data_5Q17
#
_entry.id   5Q17
#
_cell.length_a   93.940
_cell.length_b   93.940
_cell.length_c   47.798
_cell.angle_alpha   90.000
_cell.angle_beta   90.000
_cell.angle_gamma   120.000
#
_symmetry.space_group_name_H-M   'P 65'
#
loop_
_entity.id
_entity.type
_entity.pdbx_description
1 polymer 'Bile acid receptor'
2 polymer 'Nuclear receptor coactivator peptide SRC2'
3 non-polymer "4-({5-bromo-2-oxo-1'-[(thiophen-2-yl)sulfonyl]spiro[indole-3,4'-piperidin]-1(2H)-yl}methyl)benzoic acid"
4 water water
#
loop_
_entity_poly.entity_id
_entity_poly.type
_entity_poly.pdbx_seq_one_letter_code
_entity_poly.pdbx_strand_id
1 'polypeptide(L)'
;GSHMELTPDQQTLLHFIMDSYNKQRMPQEITNKILKEAFSAEENFLILTEMATNHVQVLVEFTKKLPGFQTLDHEDQIAL
LKGSAVEAMFLRSAEIFNKKLPSGHSDLLEARIRNSGISDEYITPMFSFYKSIGELKMTQEEYALLTAIVILSPDRQYIK
DREAVEKLQEPLLDVLQKLCKIHQPENPQHFACLLGRLTELRTFNHHHAEMLMSWRVNDHKFTPLLCEIWDVQ
;
A
2 'polypeptide(L)' ENALLRYLLDKD B
#
# COMPACT_ATOMS: atom_id res chain seq x y z
N HIS A 3 -19.37 17.65 -6.94
CA HIS A 3 -19.97 17.55 -8.28
C HIS A 3 -19.34 18.53 -9.27
N MET A 4 -18.90 19.72 -8.80
CA MET A 4 -18.27 20.76 -9.62
C MET A 4 -16.80 20.95 -9.25
N GLU A 5 -16.51 21.27 -7.97
CA GLU A 5 -15.15 21.51 -7.47
C GLU A 5 -14.99 21.11 -6.00
N LEU A 6 -13.72 20.91 -5.59
CA LEU A 6 -13.36 20.63 -4.20
C LEU A 6 -13.34 21.96 -3.46
N THR A 7 -13.72 21.94 -2.17
CA THR A 7 -13.70 23.14 -1.33
C THR A 7 -12.23 23.46 -0.98
N PRO A 8 -11.85 24.68 -0.54
CA PRO A 8 -10.43 24.94 -0.18
C PRO A 8 -9.90 23.95 0.86
N ASP A 9 -10.76 23.50 1.79
CA ASP A 9 -10.45 22.52 2.83
C ASP A 9 -10.18 21.14 2.25
N GLN A 10 -10.94 20.73 1.21
CA GLN A 10 -10.74 19.43 0.59
C GLN A 10 -9.46 19.45 -0.24
N GLN A 11 -9.16 20.61 -0.84
CA GLN A 11 -8.00 20.89 -1.66
C GLN A 11 -6.74 20.85 -0.80
N THR A 12 -6.83 21.38 0.44
CA THR A 12 -5.74 21.41 1.41
C THR A 12 -5.41 19.99 1.86
N LEU A 13 -6.46 19.23 2.23
CA LEU A 13 -6.40 17.84 2.66
C LEU A 13 -5.78 16.98 1.55
N LEU A 14 -6.25 17.15 0.29
CA LEU A 14 -5.72 16.39 -0.84
C LEU A 14 -4.25 16.71 -1.09
N HIS A 15 -3.86 17.98 -0.97
CA HIS A 15 -2.48 18.42 -1.15
C HIS A 15 -1.49 17.75 -0.18
N PHE A 16 -1.86 17.60 1.08
CA PHE A 16 -1.01 16.96 2.11
C PHE A 16 -0.83 15.45 1.81
N ILE A 17 -1.89 14.77 1.33
CA ILE A 17 -1.88 13.35 0.93
C ILE A 17 -0.95 13.19 -0.28
N MET A 18 -1.14 14.03 -1.32
CA MET A 18 -0.36 14.03 -2.56
CA MET A 18 -0.35 14.01 -2.56
C MET A 18 1.13 14.26 -2.32
N ASP A 19 1.47 15.28 -1.53
CA ASP A 19 2.85 15.65 -1.20
C ASP A 19 3.56 14.49 -0.52
N SER A 20 2.92 13.89 0.49
CA SER A 20 3.45 12.77 1.25
C SER A 20 3.61 11.51 0.36
N TYR A 21 2.65 11.27 -0.54
CA TYR A 21 2.67 10.11 -1.45
C TYR A 21 3.75 10.18 -2.52
N ASN A 22 4.07 11.37 -3.02
CA ASN A 22 5.05 11.60 -4.08
C ASN A 22 6.53 11.60 -3.61
N LYS A 23 6.77 11.63 -2.27
CA LYS A 23 8.14 11.64 -1.73
C LYS A 23 8.87 10.30 -1.89
N GLN A 24 8.12 9.21 -2.11
CA GLN A 24 8.65 7.85 -2.26
C GLN A 24 9.32 7.61 -3.61
N ARG A 25 10.41 6.83 -3.57
CA ARG A 25 11.24 6.46 -4.71
C ARG A 25 11.92 5.13 -4.45
N MET A 26 12.04 4.30 -5.50
CA MET A 26 12.71 2.99 -5.43
C MET A 26 14.24 3.26 -5.44
N PRO A 27 15.02 2.82 -4.42
CA PRO A 27 16.46 3.11 -4.43
C PRO A 27 17.19 2.39 -5.55
N GLN A 28 18.26 3.04 -6.08
CA GLN A 28 19.11 2.55 -7.16
C GLN A 28 19.61 1.13 -6.86
N GLU A 29 20.07 0.89 -5.62
CA GLU A 29 20.58 -0.37 -5.10
C GLU A 29 19.62 -1.55 -5.32
N ILE A 30 18.32 -1.32 -5.11
CA ILE A 30 17.26 -2.32 -5.30
C ILE A 30 17.04 -2.62 -6.80
N THR A 31 16.91 -1.57 -7.64
CA THR A 31 16.71 -1.71 -9.08
C THR A 31 17.91 -2.39 -9.77
N ASN A 32 19.13 -2.12 -9.29
CA ASN A 32 20.37 -2.70 -9.80
C ASN A 32 20.42 -4.21 -9.52
N LYS A 33 19.86 -4.64 -8.37
CA LYS A 33 19.78 -6.05 -7.97
C LYS A 33 18.83 -6.83 -8.88
N ILE A 34 17.67 -6.25 -9.23
CA ILE A 34 16.66 -6.84 -10.12
C ILE A 34 17.29 -7.09 -11.51
N LEU A 35 18.28 -6.25 -11.85
CA LEU A 35 19.00 -6.33 -13.11
C LEU A 35 20.21 -7.27 -13.12
N LYS A 36 21.08 -7.24 -12.08
CA LYS A 36 22.32 -8.02 -12.17
C LYS A 36 22.42 -9.31 -11.32
N GLU A 37 21.70 -9.43 -10.19
CA GLU A 37 21.79 -10.63 -9.33
C GLU A 37 21.40 -11.94 -10.06
N ALA A 38 21.90 -13.09 -9.55
CA ALA A 38 21.65 -14.42 -10.11
C ALA A 38 20.15 -14.76 -10.13
N PHE A 39 19.70 -15.50 -11.16
CA PHE A 39 18.29 -15.90 -11.31
C PHE A 39 18.03 -17.26 -10.63
N SER A 40 18.18 -17.30 -9.31
CA SER A 40 17.94 -18.50 -8.51
C SER A 40 16.87 -18.19 -7.49
N ALA A 41 16.19 -19.22 -6.97
CA ALA A 41 15.14 -19.07 -5.96
C ALA A 41 15.61 -18.26 -4.74
N GLU A 42 16.84 -18.52 -4.28
CA GLU A 42 17.49 -17.87 -3.13
C GLU A 42 17.64 -16.36 -3.33
N GLU A 43 18.32 -15.95 -4.42
CA GLU A 43 18.55 -14.54 -4.75
C GLU A 43 17.27 -13.79 -5.10
N ASN A 44 16.29 -14.47 -5.74
CA ASN A 44 15.01 -13.87 -6.11
C ASN A 44 14.17 -13.55 -4.87
N PHE A 45 14.11 -14.49 -3.90
CA PHE A 45 13.38 -14.31 -2.64
C PHE A 45 14.04 -13.22 -1.80
N LEU A 46 15.38 -13.19 -1.76
CA LEU A 46 16.20 -12.20 -1.04
C LEU A 46 15.90 -10.78 -1.55
N ILE A 47 15.81 -10.62 -2.89
CA ILE A 47 15.48 -9.35 -3.54
C ILE A 47 14.09 -8.87 -3.09
N LEU A 48 13.11 -9.79 -3.11
CA LEU A 48 11.72 -9.51 -2.73
C LEU A 48 11.57 -9.18 -1.25
N THR A 49 12.38 -9.83 -0.38
CA THR A 49 12.42 -9.56 1.07
C THR A 49 12.91 -8.12 1.28
N GLU A 50 13.99 -7.72 0.59
CA GLU A 50 14.57 -6.38 0.61
C GLU A 50 13.50 -5.35 0.21
N MET A 51 12.74 -5.63 -0.87
CA MET A 51 11.64 -4.79 -1.36
C MET A 51 10.53 -4.67 -0.32
N ALA A 52 10.15 -5.80 0.29
CA ALA A 52 9.12 -5.84 1.33
C ALA A 52 9.48 -4.98 2.55
N THR A 53 10.77 -5.01 2.95
CA THR A 53 11.32 -4.27 4.09
C THR A 53 11.34 -2.78 3.80
N ASN A 54 11.82 -2.39 2.61
CA ASN A 54 11.88 -1.00 2.15
C ASN A 54 10.49 -0.39 2.12
N HIS A 55 9.44 -1.17 1.72
CA HIS A 55 8.06 -0.71 1.72
C HIS A 55 7.55 -0.32 3.12
N VAL A 56 7.91 -1.10 4.16
CA VAL A 56 7.50 -0.84 5.56
C VAL A 56 7.96 0.57 6.00
N GLN A 57 9.20 0.93 5.64
CA GLN A 57 9.79 2.24 5.95
C GLN A 57 9.06 3.35 5.18
N VAL A 58 8.76 3.10 3.91
CA VAL A 58 8.02 4.01 3.02
C VAL A 58 6.61 4.25 3.60
N LEU A 59 5.94 3.17 4.05
CA LEU A 59 4.61 3.19 4.64
C LEU A 59 4.56 4.03 5.91
N VAL A 60 5.50 3.81 6.86
CA VAL A 60 5.54 4.56 8.12
C VAL A 60 5.67 6.06 7.83
N GLU A 61 6.61 6.44 6.95
CA GLU A 61 6.87 7.84 6.59
C GLU A 61 5.68 8.51 5.88
N PHE A 62 4.97 7.77 5.01
CA PHE A 62 3.79 8.31 4.34
C PHE A 62 2.68 8.55 5.37
N THR A 63 2.42 7.54 6.22
CA THR A 63 1.38 7.52 7.24
C THR A 63 1.56 8.65 8.27
N LYS A 64 2.79 8.85 8.79
CA LYS A 64 3.16 9.89 9.75
C LYS A 64 2.76 11.30 9.31
N LYS A 65 2.76 11.54 7.99
CA LYS A 65 2.43 12.83 7.38
C LYS A 65 0.93 12.97 6.99
N LEU A 66 0.09 11.92 7.23
CA LEU A 66 -1.35 11.99 6.89
C LEU A 66 -2.05 12.93 7.88
N PRO A 67 -2.92 13.87 7.41
CA PRO A 67 -3.57 14.79 8.35
C PRO A 67 -4.35 14.08 9.46
N GLY A 68 -3.92 14.33 10.71
CA GLY A 68 -4.54 13.78 11.91
C GLY A 68 -3.96 12.48 12.44
N PHE A 69 -3.05 11.82 11.71
CA PHE A 69 -2.47 10.56 12.19
C PHE A 69 -1.72 10.76 13.51
N GLN A 70 -0.92 11.85 13.61
CA GLN A 70 -0.13 12.24 14.80
C GLN A 70 -1.01 12.51 16.02
N THR A 71 -2.29 12.85 15.82
CA THR A 71 -3.23 13.16 16.91
C THR A 71 -3.85 11.90 17.52
N LEU A 72 -3.70 10.74 16.86
CA LEU A 72 -4.23 9.47 17.37
C LEU A 72 -3.37 8.96 18.52
N ASP A 73 -3.97 8.20 19.46
CA ASP A 73 -3.26 7.55 20.57
C ASP A 73 -2.13 6.70 19.97
N HIS A 74 -0.98 6.63 20.67
CA HIS A 74 0.20 5.88 20.23
C HIS A 74 -0.09 4.44 19.85
N GLU A 75 -0.83 3.72 20.69
CA GLU A 75 -1.19 2.32 20.46
C GLU A 75 -2.06 2.15 19.23
N ASP A 76 -2.99 3.09 18.98
CA ASP A 76 -3.87 3.07 17.82
C ASP A 76 -3.07 3.31 16.52
N GLN A 77 -2.00 4.14 16.59
CA GLN A 77 -1.10 4.42 15.47
C GLN A 77 -0.40 3.13 15.01
N ILE A 78 0.05 2.31 15.98
CA ILE A 78 0.72 1.00 15.81
C ILE A 78 -0.28 -0.02 15.23
N ALA A 79 -1.49 -0.08 15.80
CA ALA A 79 -2.58 -0.95 15.37
C ALA A 79 -2.94 -0.71 13.91
N LEU A 80 -2.99 0.57 13.47
CA LEU A 80 -3.32 0.93 12.08
C LEU A 80 -2.23 0.54 11.10
N LEU A 81 -0.96 0.71 11.49
CA LEU A 81 0.18 0.34 10.66
C LEU A 81 0.25 -1.17 10.51
N LYS A 82 0.07 -1.93 11.61
CA LYS A 82 0.09 -3.39 11.59
C LYS A 82 -1.03 -3.97 10.70
N GLY A 83 -2.26 -3.51 10.90
CA GLY A 83 -3.43 -3.98 10.16
C GLY A 83 -3.53 -3.60 8.69
N SER A 84 -2.79 -2.57 8.25
CA SER A 84 -2.82 -2.10 6.86
C SER A 84 -1.56 -2.40 6.07
N ALA A 85 -0.47 -2.81 6.75
CA ALA A 85 0.84 -3.07 6.12
C ALA A 85 0.78 -3.96 4.88
N VAL A 86 0.01 -5.07 4.93
CA VAL A 86 -0.10 -6.03 3.80
C VAL A 86 -0.92 -5.41 2.66
N GLU A 87 -2.07 -4.78 3.01
CA GLU A 87 -2.96 -4.11 2.06
C GLU A 87 -2.26 -2.96 1.33
N ALA A 88 -1.51 -2.12 2.07
CA ALA A 88 -0.77 -0.97 1.53
C ALA A 88 0.38 -1.40 0.61
N MET A 89 0.98 -2.56 0.90
CA MET A 89 2.07 -3.16 0.12
C MET A 89 1.58 -3.58 -1.25
N PHE A 90 0.48 -4.35 -1.31
CA PHE A 90 -0.10 -4.80 -2.58
C PHE A 90 -0.66 -3.65 -3.41
N LEU A 91 -1.15 -2.59 -2.76
CA LEU A 91 -1.67 -1.41 -3.46
C LEU A 91 -0.53 -0.63 -4.13
N ARG A 92 0.56 -0.39 -3.40
CA ARG A 92 1.75 0.32 -3.89
C ARG A 92 2.43 -0.50 -4.98
N SER A 93 2.50 -1.83 -4.79
CA SER A 93 3.10 -2.75 -5.76
C SER A 93 2.36 -2.74 -7.09
N ALA A 94 1.04 -2.56 -7.05
CA ALA A 94 0.15 -2.49 -8.22
C ALA A 94 0.43 -1.23 -9.02
N GLU A 95 0.70 -0.11 -8.32
CA GLU A 95 1.01 1.18 -8.93
C GLU A 95 2.36 1.11 -9.67
N ILE A 96 3.41 0.60 -8.99
CA ILE A 96 4.76 0.47 -9.54
C ILE A 96 4.77 -0.46 -10.78
N PHE A 97 4.06 -1.60 -10.70
CA PHE A 97 3.97 -2.58 -11.78
C PHE A 97 3.28 -2.04 -13.05
N ASN A 98 2.23 -1.21 -12.87
CA ASN A 98 1.42 -0.63 -13.94
C ASN A 98 1.84 0.77 -14.41
N LYS A 99 2.77 1.45 -13.69
CA LYS A 99 3.17 2.82 -14.05
C LYS A 99 4.67 3.11 -13.96
N LYS A 100 5.26 3.01 -12.75
CA LYS A 100 6.66 3.34 -12.43
C LYS A 100 7.72 2.52 -13.19
N LEU A 101 7.78 1.18 -12.97
CA LEU A 101 8.77 0.29 -13.57
C LEU A 101 8.78 0.25 -15.11
N PRO A 102 9.99 0.32 -15.75
CA PRO A 102 10.05 0.22 -17.22
C PRO A 102 9.68 -1.19 -17.67
N SER A 103 9.03 -1.33 -18.85
CA SER A 103 8.54 -2.58 -19.45
C SER A 103 9.48 -3.80 -19.26
N GLY A 104 10.76 -3.64 -19.60
CA GLY A 104 11.78 -4.69 -19.50
C GLY A 104 12.14 -5.05 -18.07
N HIS A 105 12.39 -4.01 -17.23
CA HIS A 105 12.74 -4.13 -15.81
C HIS A 105 11.59 -4.76 -15.00
N SER A 106 10.33 -4.45 -15.36
CA SER A 106 9.12 -4.99 -14.76
C SER A 106 8.98 -6.47 -15.14
N ASP A 107 9.38 -6.83 -16.38
CA ASP A 107 9.35 -8.19 -16.89
C ASP A 107 10.37 -9.10 -16.20
N LEU A 108 11.52 -8.52 -15.81
CA LEU A 108 12.57 -9.21 -15.05
C LEU A 108 12.13 -9.40 -13.60
N LEU A 109 11.45 -8.39 -13.00
CA LEU A 109 10.93 -8.50 -11.63
C LEU A 109 9.80 -9.53 -11.54
N GLU A 110 8.91 -9.58 -12.55
CA GLU A 110 7.83 -10.57 -12.65
C GLU A 110 8.44 -11.98 -12.76
N ALA A 111 9.54 -12.11 -13.55
CA ALA A 111 10.29 -13.35 -13.73
C ALA A 111 10.88 -13.77 -12.38
N ARG A 112 11.44 -12.79 -11.61
CA ARG A 112 12.01 -13.05 -10.28
C ARG A 112 10.93 -13.49 -9.30
N ILE A 113 9.79 -12.79 -9.28
CA ILE A 113 8.63 -13.12 -8.43
C ILE A 113 8.16 -14.56 -8.69
N ARG A 114 7.90 -14.90 -9.98
CA ARG A 114 7.42 -16.22 -10.42
C ARG A 114 8.43 -17.37 -10.24
N ASN A 115 9.68 -17.05 -9.88
CA ASN A 115 10.74 -18.03 -9.66
C ASN A 115 11.45 -17.74 -8.34
N SER A 116 10.68 -17.55 -7.26
CA SER A 116 11.19 -17.23 -5.92
C SER A 116 10.72 -18.20 -4.83
N GLY A 117 10.24 -19.38 -5.23
CA GLY A 117 9.78 -20.42 -4.32
C GLY A 117 8.40 -20.18 -3.73
N ILE A 118 7.66 -19.18 -4.25
CA ILE A 118 6.31 -18.88 -3.79
C ILE A 118 5.31 -19.65 -4.68
N SER A 119 4.26 -20.19 -4.06
CA SER A 119 3.22 -20.97 -4.74
C SER A 119 2.34 -20.11 -5.63
N ASP A 120 1.81 -20.71 -6.71
CA ASP A 120 0.89 -20.08 -7.66
C ASP A 120 -0.42 -19.62 -7.01
N GLU A 121 -0.80 -20.27 -5.87
CA GLU A 121 -2.00 -19.95 -5.07
C GLU A 121 -1.92 -18.50 -4.52
N TYR A 122 -0.71 -17.94 -4.47
CA TYR A 122 -0.40 -16.59 -4.01
C TYR A 122 -0.09 -15.68 -5.21
N ILE A 123 0.73 -16.18 -6.17
CA ILE A 123 1.17 -15.47 -7.38
C ILE A 123 0.00 -15.11 -8.32
N THR A 124 -0.94 -16.07 -8.55
CA THR A 124 -2.11 -15.91 -9.43
C THR A 124 -3.02 -14.74 -8.96
N PRO A 125 -3.59 -14.71 -7.71
CA PRO A 125 -4.41 -13.54 -7.32
C PRO A 125 -3.65 -12.21 -7.32
N MET A 126 -2.33 -12.23 -7.00
CA MET A 126 -1.45 -11.06 -6.98
C MET A 126 -1.40 -10.39 -8.38
N PHE A 127 -1.10 -11.18 -9.43
CA PHE A 127 -1.04 -10.65 -10.78
C PHE A 127 -2.43 -10.35 -11.35
N SER A 128 -3.47 -11.05 -10.86
CA SER A 128 -4.86 -10.81 -11.28
C SER A 128 -5.26 -9.45 -10.76
N PHE A 129 -4.92 -9.17 -9.49
CA PHE A 129 -5.18 -7.88 -8.87
C PHE A 129 -4.41 -6.75 -9.58
N TYR A 130 -3.14 -6.99 -10.03
CA TYR A 130 -2.35 -5.97 -10.75
C TYR A 130 -3.06 -5.55 -12.04
N LYS A 131 -3.55 -6.53 -12.85
CA LYS A 131 -4.29 -6.29 -14.11
C LYS A 131 -5.60 -5.58 -13.83
N SER A 132 -6.33 -6.00 -12.80
CA SER A 132 -7.61 -5.41 -12.38
C SER A 132 -7.45 -3.93 -12.00
N ILE A 133 -6.29 -3.57 -11.44
CA ILE A 133 -5.96 -2.19 -11.06
C ILE A 133 -5.62 -1.37 -12.32
N GLY A 134 -4.85 -1.97 -13.24
CA GLY A 134 -4.44 -1.35 -14.49
C GLY A 134 -5.59 -0.91 -15.36
N GLU A 135 -6.65 -1.74 -15.42
CA GLU A 135 -7.88 -1.53 -16.19
C GLU A 135 -8.62 -0.25 -15.79
N LEU A 136 -8.59 0.10 -14.49
CA LEU A 136 -9.26 1.29 -13.96
C LEU A 136 -8.60 2.59 -14.37
N LYS A 137 -7.32 2.52 -14.82
CA LYS A 137 -6.52 3.67 -15.26
C LYS A 137 -6.53 4.78 -14.20
N MET A 138 -6.20 4.40 -12.96
CA MET A 138 -6.19 5.28 -11.80
C MET A 138 -5.18 6.40 -11.92
N THR A 139 -5.58 7.59 -11.45
CA THR A 139 -4.71 8.76 -11.42
C THR A 139 -3.89 8.64 -10.12
N GLN A 140 -2.87 9.48 -9.97
CA GLN A 140 -2.01 9.52 -8.78
C GLN A 140 -2.82 9.94 -7.53
N GLU A 141 -3.80 10.87 -7.68
CA GLU A 141 -4.71 11.34 -6.61
C GLU A 141 -5.50 10.16 -6.11
N GLU A 142 -5.94 9.28 -7.03
CA GLU A 142 -6.70 8.07 -6.70
C GLU A 142 -5.84 7.04 -5.97
N TYR A 143 -4.55 6.85 -6.35
CA TYR A 143 -3.66 5.93 -5.63
C TYR A 143 -3.36 6.46 -4.21
N ALA A 144 -3.11 7.77 -4.10
CA ALA A 144 -2.80 8.42 -2.81
C ALA A 144 -4.00 8.33 -1.84
N LEU A 145 -5.21 8.66 -2.32
CA LEU A 145 -6.41 8.60 -1.49
C LEU A 145 -6.75 7.20 -1.07
N LEU A 146 -6.66 6.24 -2.00
CA LEU A 146 -6.93 4.84 -1.72
C LEU A 146 -6.01 4.29 -0.65
N THR A 147 -4.71 4.64 -0.72
CA THR A 147 -3.69 4.21 0.26
C THR A 147 -4.05 4.73 1.65
N ALA A 148 -4.42 6.03 1.75
CA ALA A 148 -4.81 6.72 3.00
C ALA A 148 -6.10 6.13 3.59
N ILE A 149 -7.08 5.78 2.74
CA ILE A 149 -8.36 5.16 3.15
C ILE A 149 -8.08 3.78 3.76
N VAL A 150 -7.25 2.95 3.09
CA VAL A 150 -6.81 1.61 3.51
C VAL A 150 -6.13 1.71 4.88
N ILE A 151 -5.19 2.66 5.04
CA ILE A 151 -4.44 2.88 6.28
C ILE A 151 -5.34 3.33 7.43
N LEU A 152 -6.19 4.34 7.20
CA LEU A 152 -7.08 4.85 8.24
C LEU A 152 -8.41 4.07 8.33
N SER A 153 -8.33 2.73 8.32
CA SER A 153 -9.52 1.88 8.45
C SER A 153 -9.90 1.77 9.92
N PRO A 154 -11.08 2.29 10.33
CA PRO A 154 -11.43 2.24 11.78
C PRO A 154 -11.84 0.87 12.31
N ASP A 155 -11.95 -0.12 11.41
CA ASP A 155 -12.39 -1.47 11.73
C ASP A 155 -11.26 -2.48 11.98
N ARG A 156 -10.00 -2.01 12.09
CA ARG A 156 -8.84 -2.89 12.33
C ARG A 156 -8.85 -3.38 13.77
N GLN A 157 -8.34 -4.60 13.98
CA GLN A 157 -8.24 -5.20 15.31
C GLN A 157 -7.32 -4.39 16.21
N TYR A 158 -7.58 -4.42 17.53
CA TYR A 158 -6.81 -3.82 18.63
C TYR A 158 -6.83 -2.26 18.65
N ILE A 159 -7.81 -1.62 17.99
CA ILE A 159 -7.96 -0.16 18.04
C ILE A 159 -8.85 0.15 19.26
N LYS A 160 -8.43 1.11 20.12
CA LYS A 160 -9.17 1.53 21.32
C LYS A 160 -10.23 2.59 21.01
N ASP A 161 -9.85 3.69 20.32
CA ASP A 161 -10.76 4.78 19.95
C ASP A 161 -10.96 4.75 18.44
N ARG A 162 -12.01 4.03 18.01
CA ARG A 162 -12.37 3.83 16.61
C ARG A 162 -13.04 5.04 15.99
N GLU A 163 -13.80 5.81 16.80
CA GLU A 163 -14.50 7.03 16.34
C GLU A 163 -13.52 8.07 15.85
N ALA A 164 -12.32 8.12 16.48
CA ALA A 164 -11.25 9.05 16.13
C ALA A 164 -10.71 8.74 14.75
N VAL A 165 -10.58 7.44 14.41
CA VAL A 165 -10.10 6.98 13.09
C VAL A 165 -11.21 7.24 12.04
N GLU A 166 -12.50 7.06 12.44
CA GLU A 166 -13.70 7.31 11.61
C GLU A 166 -13.74 8.76 11.15
N LYS A 167 -13.42 9.72 12.06
CA LYS A 167 -13.38 11.16 11.79
C LYS A 167 -12.31 11.50 10.76
N LEU A 168 -11.24 10.70 10.70
CA LEU A 168 -10.13 10.88 9.76
C LEU A 168 -10.40 10.27 8.38
N GLN A 169 -11.05 9.10 8.33
CA GLN A 169 -11.35 8.37 7.09
C GLN A 169 -12.53 8.94 6.26
N GLU A 170 -13.62 9.33 6.94
CA GLU A 170 -14.83 9.86 6.28
C GLU A 170 -14.52 11.03 5.32
N PRO A 171 -13.75 12.10 5.69
CA PRO A 171 -13.48 13.16 4.70
C PRO A 171 -12.66 12.70 3.47
N LEU A 172 -11.88 11.59 3.59
CA LEU A 172 -11.10 11.03 2.49
C LEU A 172 -12.02 10.33 1.47
N LEU A 173 -13.01 9.56 1.96
CA LEU A 173 -13.97 8.90 1.09
C LEU A 173 -14.82 9.96 0.38
N ASP A 174 -15.14 11.08 1.08
CA ASP A 174 -15.87 12.22 0.52
C ASP A 174 -15.08 12.88 -0.62
N VAL A 175 -13.77 13.15 -0.40
CA VAL A 175 -12.88 13.74 -1.42
C VAL A 175 -12.77 12.80 -2.64
N LEU A 176 -12.56 11.49 -2.39
CA LEU A 176 -12.42 10.48 -3.45
C LEU A 176 -13.66 10.40 -4.34
N GLN A 177 -14.86 10.34 -3.72
CA GLN A 177 -16.14 10.29 -4.44
C GLN A 177 -16.33 11.58 -5.28
N LYS A 178 -16.02 12.74 -4.70
CA LYS A 178 -16.13 14.04 -5.38
C LYS A 178 -15.18 14.09 -6.59
N LEU A 179 -13.94 13.59 -6.42
CA LEU A 179 -12.97 13.50 -7.52
C LEU A 179 -13.48 12.60 -8.65
N CYS A 180 -14.30 11.57 -8.33
CA CYS A 180 -14.89 10.65 -9.33
C CYS A 180 -15.97 11.39 -10.13
N LYS A 181 -16.77 12.23 -9.45
CA LYS A 181 -17.85 13.02 -10.03
C LYS A 181 -17.32 14.14 -10.92
N ILE A 182 -16.14 14.67 -10.59
CA ILE A 182 -15.49 15.75 -11.34
C ILE A 182 -14.80 15.20 -12.60
N HIS A 183 -13.96 14.17 -12.45
CA HIS A 183 -13.17 13.63 -13.55
C HIS A 183 -13.85 12.54 -14.39
N GLN A 184 -14.81 11.80 -13.82
CA GLN A 184 -15.56 10.77 -14.57
C GLN A 184 -17.09 10.99 -14.43
N PRO A 185 -17.65 12.17 -14.82
CA PRO A 185 -19.10 12.39 -14.66
C PRO A 185 -19.97 11.51 -15.57
N GLU A 186 -19.39 10.96 -16.66
CA GLU A 186 -20.05 10.09 -17.63
C GLU A 186 -20.10 8.64 -17.14
N ASN A 187 -19.33 8.32 -16.08
CA ASN A 187 -19.23 6.98 -15.50
C ASN A 187 -19.64 7.05 -14.01
N PRO A 188 -20.95 6.94 -13.67
CA PRO A 188 -21.37 7.03 -12.25
C PRO A 188 -20.95 5.84 -11.38
N GLN A 189 -20.48 4.74 -12.00
CA GLN A 189 -20.05 3.54 -11.31
C GLN A 189 -18.54 3.53 -11.01
N HIS A 190 -17.82 4.65 -11.27
CA HIS A 190 -16.37 4.77 -11.05
C HIS A 190 -15.98 4.63 -9.57
N PHE A 191 -16.67 5.34 -8.66
CA PHE A 191 -16.42 5.24 -7.21
C PHE A 191 -16.59 3.79 -6.73
N ALA A 192 -17.65 3.11 -7.22
CA ALA A 192 -17.98 1.69 -6.94
C ALA A 192 -16.88 0.73 -7.42
N CYS A 193 -16.22 1.04 -8.57
CA CYS A 193 -15.12 0.24 -9.11
C CYS A 193 -13.90 0.37 -8.17
N LEU A 194 -13.66 1.59 -7.65
CA LEU A 194 -12.58 1.87 -6.71
C LEU A 194 -12.86 1.18 -5.35
N LEU A 195 -14.14 1.12 -4.95
CA LEU A 195 -14.58 0.41 -3.74
C LEU A 195 -14.34 -1.10 -3.87
N GLY A 196 -14.44 -1.62 -5.09
CA GLY A 196 -14.20 -3.02 -5.43
C GLY A 196 -12.77 -3.45 -5.17
N ARG A 197 -11.83 -2.48 -5.27
CA ARG A 197 -10.41 -2.69 -5.04
C ARG A 197 -10.11 -2.77 -3.54
N LEU A 198 -10.85 -2.02 -2.71
CA LEU A 198 -10.70 -2.06 -1.25
C LEU A 198 -11.05 -3.45 -0.71
N THR A 199 -12.10 -4.07 -1.27
CA THR A 199 -12.53 -5.41 -0.87
C THR A 199 -11.61 -6.48 -1.43
N GLU A 200 -11.07 -6.29 -2.67
CA GLU A 200 -10.12 -7.25 -3.28
C GLU A 200 -8.81 -7.26 -2.46
N LEU A 201 -8.37 -6.08 -1.99
CA LEU A 201 -7.19 -5.92 -1.15
C LEU A 201 -7.28 -6.67 0.18
N ARG A 202 -8.50 -6.78 0.77
CA ARG A 202 -8.74 -7.47 2.04
C ARG A 202 -8.39 -8.94 1.94
N THR A 203 -8.67 -9.57 0.77
CA THR A 203 -8.35 -10.98 0.52
C THR A 203 -6.84 -11.27 0.66
N PHE A 204 -5.97 -10.26 0.42
CA PHE A 204 -4.52 -10.45 0.51
C PHE A 204 -4.00 -10.63 1.95
N ASN A 205 -4.84 -10.38 2.97
CA ASN A 205 -4.47 -10.59 4.37
C ASN A 205 -4.38 -12.09 4.66
N HIS A 206 -5.30 -12.89 4.08
CA HIS A 206 -5.32 -14.34 4.22
C HIS A 206 -4.17 -14.96 3.44
N HIS A 207 -4.05 -14.66 2.13
CA HIS A 207 -3.00 -15.19 1.26
C HIS A 207 -1.63 -15.00 1.86
N HIS A 208 -1.36 -13.80 2.41
CA HIS A 208 -0.09 -13.45 3.03
C HIS A 208 0.21 -14.23 4.32
N ALA A 209 -0.77 -14.36 5.23
CA ALA A 209 -0.63 -15.09 6.50
C ALA A 209 -0.47 -16.59 6.27
N GLU A 210 -1.15 -17.14 5.24
CA GLU A 210 -1.07 -18.55 4.87
C GLU A 210 0.29 -18.84 4.20
N MET A 211 0.82 -17.86 3.43
CA MET A 211 2.12 -17.95 2.76
C MET A 211 3.26 -17.97 3.80
N LEU A 212 3.14 -17.13 4.85
CA LEU A 212 4.11 -17.01 5.94
C LEU A 212 4.23 -18.28 6.79
N MET A 213 3.18 -19.14 6.78
CA MET A 213 3.12 -20.41 7.50
C MET A 213 4.15 -21.44 6.99
N SER A 214 4.63 -21.27 5.75
CA SER A 214 5.63 -22.15 5.13
C SER A 214 7.04 -21.55 5.28
N HIS A 220 15.06 -21.60 3.74
CA HIS A 220 15.68 -20.37 3.26
C HIS A 220 14.67 -19.19 3.20
N LYS A 221 13.36 -19.50 3.21
CA LYS A 221 12.28 -18.50 3.17
C LYS A 221 12.09 -17.76 4.51
N PHE A 222 12.66 -18.28 5.62
CA PHE A 222 12.54 -17.71 6.97
C PHE A 222 13.22 -16.34 7.10
N THR A 223 12.40 -15.28 7.33
CA THR A 223 12.82 -13.88 7.48
C THR A 223 12.28 -13.35 8.81
N PRO A 224 13.08 -13.46 9.91
CA PRO A 224 12.59 -13.04 11.23
C PRO A 224 12.08 -11.60 11.37
N LEU A 225 12.73 -10.60 10.72
CA LEU A 225 12.31 -9.18 10.83
C LEU A 225 10.89 -8.92 10.34
N LEU A 226 10.55 -9.31 9.10
CA LEU A 226 9.22 -9.07 8.54
C LEU A 226 8.11 -9.87 9.23
N CYS A 227 8.41 -11.11 9.69
CA CYS A 227 7.50 -12.01 10.38
C CYS A 227 6.97 -11.41 11.69
N GLU A 228 7.84 -10.74 12.47
CA GLU A 228 7.45 -10.15 13.75
C GLU A 228 6.65 -8.83 13.57
N ILE A 229 6.71 -8.20 12.37
CA ILE A 229 5.94 -6.98 12.06
C ILE A 229 4.52 -7.43 11.72
N TRP A 230 4.38 -8.22 10.63
CA TRP A 230 3.13 -8.76 10.08
C TRP A 230 2.29 -9.53 11.09
N ASP A 231 2.87 -10.55 11.76
CA ASP A 231 2.20 -11.38 12.77
C ASP A 231 3.19 -12.00 13.74
N GLU B 1 5.86 -6.22 22.20
CA GLU B 1 6.75 -5.13 21.85
C GLU B 1 6.95 -5.04 20.34
N ASN B 2 6.48 -3.93 19.74
CA ASN B 2 6.60 -3.66 18.30
C ASN B 2 7.73 -2.65 18.16
N ALA B 3 8.95 -3.07 18.55
CA ALA B 3 10.16 -2.27 18.60
C ALA B 3 10.53 -1.53 17.32
N LEU B 4 10.39 -2.17 16.14
CA LEU B 4 10.75 -1.52 14.88
C LEU B 4 9.75 -0.44 14.48
N LEU B 5 8.44 -0.74 14.55
CA LEU B 5 7.39 0.23 14.23
C LEU B 5 7.47 1.44 15.14
N ARG B 6 7.66 1.21 16.45
CA ARG B 6 7.81 2.22 17.50
C ARG B 6 9.00 3.12 17.16
N TYR B 7 10.16 2.53 16.77
CA TYR B 7 11.35 3.29 16.40
C TYR B 7 11.07 4.17 15.18
N LEU B 8 10.55 3.59 14.06
CA LEU B 8 10.27 4.29 12.80
C LEU B 8 9.21 5.39 12.93
N LEU B 9 8.23 5.17 13.82
CA LEU B 9 7.14 6.12 14.06
C LEU B 9 7.62 7.33 14.83
N ASP B 10 8.49 7.12 15.82
CA ASP B 10 9.03 8.19 16.65
C ASP B 10 10.50 8.48 16.29
N LYS B 11 10.78 8.66 14.97
CA LYS B 11 12.11 8.97 14.46
C LYS B 11 12.13 10.25 13.64
N ASP B 12 13.17 11.07 13.88
CA ASP B 12 13.48 12.34 13.21
C ASP B 12 12.33 13.36 13.28
#